data_2HW3
#
_entry.id   2HW3
#
_cell.length_a   88.098
_cell.length_b   93.684
_cell.length_c   105.250
_cell.angle_alpha   90.000
_cell.angle_beta   90.000
_cell.angle_gamma   90.000
#
_symmetry.space_group_name_H-M   'P 21 21 21'
#
loop_
_entity.id
_entity.type
_entity.pdbx_description
1 polymer "5'-D(*GP*CP*GP*AP*TP*CP*AP*GP*CP*TP*T)-3'"
2 polymer "5'-D(*GP*TP*A*CP*(6OG)P*AP*GP*CP*TP*GP*AP*TP*CP*GP*CP*A)-3'"
3 polymer 'DNA Polymerase I'
4 branched beta-D-fructofuranose-(2-1)-alpha-D-glucopyranose
5 non-polymer 'SULFATE ION'
6 non-polymer 'MAGNESIUM ION'
7 water water
#
loop_
_entity_poly.entity_id
_entity_poly.type
_entity_poly.pdbx_seq_one_letter_code
_entity_poly.pdbx_strand_id
1 'polydeoxyribonucleotide' (DG)(DC)(DG)(DA)(DT)(DC)(DA)(DG)(DC)(DT)(DT) B
2 'polydeoxyribonucleotide' (DG)(DT)(DA)(DC)(6OG)(DA)(DG)(DC)(DT)(DG)(DA)(DT)(DC)(DG)(DC)(DA) C
3 'polypeptide(L)'
;KKMAFTLADRVTEEMLADKAALVVEVVEENYHDAPIVGIAVVNEHGRFFLRPETALADPQFVAWLGDETKKKSMFDSKRA
AVALKWKGIELCGVSFDLLLAAYLLDPAQGVDDVAAAAKMKQYEAVRPDEAVYGKGAKRAVPDEPVLAEHLVRKAAAIWE
LERPFLDELRRNEQDRLLVELEQPLSSILAEMEFAGVKVDTKRLEQMGKELAEQLGTVEQRIYELAGQEFNINSPKQLGV
ILFEKLQLPVLKKTKTGYSTSADVLEKLAPYHEIVENILHYRQLGKLQSTYIEGLLKVVRPDTKKVHTIFNQALTQTGRL
SSTEPNLQNIPIRLEEGRKIRQAFVPSESDWLIFAADYSQIELRVLAHIAEDDNLMEAFRRDLDIHTKTAMDIFQVSEDE
VTPNMRRQAKAVNFGIVYGISDYGLAQNLNISRKEAAEFIERYFESFPGVKRYMENIVQEAKQKGYVTTLLHRRRYLPDI
TSRNFNVRSFAERMAMNTPIQGSAADIIKKAMIDLNARLKEERLQAHLLLQVHDELILEAPKEEMERLCRLVPEVMEQAV
TLRVPLKVDYHYGSTWYDAK
;
A
#
# COMPACT_ATOMS: atom_id res chain seq x y z
N LYS C 1 -7.74 -19.72 36.15
CA LYS C 1 -7.40 -19.17 34.81
C LYS C 1 -8.41 -18.13 34.30
N LYS C 2 -9.70 -18.51 34.23
CA LYS C 2 -10.78 -17.63 33.71
C LYS C 2 -10.72 -16.19 34.23
N MET C 3 -11.01 -15.24 33.33
CA MET C 3 -10.96 -13.81 33.65
C MET C 3 -12.35 -13.29 34.02
N ALA C 4 -12.41 -12.53 35.11
CA ALA C 4 -13.67 -11.99 35.61
C ALA C 4 -14.16 -10.83 34.76
N PHE C 5 -15.47 -10.76 34.55
CA PHE C 5 -16.11 -9.66 33.81
C PHE C 5 -17.62 -9.73 33.94
N THR C 6 -18.25 -8.59 33.73
CA THR C 6 -19.69 -8.49 33.78
C THR C 6 -20.24 -8.60 32.38
N LEU C 7 -21.10 -9.60 32.16
CA LEU C 7 -21.78 -9.77 30.90
C LEU C 7 -23.08 -9.01 31.07
N ALA C 8 -23.03 -7.71 30.77
CA ALA C 8 -24.16 -6.79 30.99
C ALA C 8 -25.35 -6.91 30.04
N ASP C 9 -26.52 -6.56 30.56
CA ASP C 9 -27.78 -6.56 29.81
C ASP C 9 -28.12 -5.13 29.37
N ARG C 10 -27.50 -4.16 30.03
CA ARG C 10 -27.72 -2.76 29.71
C ARG C 10 -26.45 -1.94 30.03
N VAL C 11 -26.34 -0.78 29.40
CA VAL C 11 -25.21 0.13 29.60
C VAL C 11 -25.34 0.93 30.91
N THR C 12 -24.27 0.98 31.69
CA THR C 12 -24.27 1.74 32.95
C THR C 12 -23.21 2.85 32.87
N GLU C 13 -23.32 3.81 33.78
CA GLU C 13 -22.40 4.96 33.81
C GLU C 13 -20.91 4.63 33.99
N GLU C 14 -20.61 3.58 34.76
CA GLU C 14 -19.20 3.22 34.99
C GLU C 14 -18.50 2.63 33.76
N MET C 15 -19.29 2.24 32.75
CA MET C 15 -18.75 1.72 31.50
C MET C 15 -18.35 2.88 30.62
N LEU C 16 -18.70 4.10 31.04
CA LEU C 16 -18.45 5.30 30.26
C LEU C 16 -17.44 6.26 30.89
N ALA C 17 -16.40 5.71 31.53
CA ALA C 17 -15.33 6.47 32.16
C ALA C 17 -14.48 7.14 31.07
N ASP C 18 -13.72 8.18 31.43
CA ASP C 18 -12.97 8.94 30.42
C ASP C 18 -11.68 8.36 29.86
N LYS C 19 -11.40 7.10 30.23
CA LYS C 19 -10.29 6.35 29.69
C LYS C 19 -10.66 4.88 29.75
N ALA C 20 -10.54 4.19 28.62
CA ALA C 20 -10.90 2.79 28.54
C ALA C 20 -10.24 2.09 27.36
N ALA C 21 -10.15 0.78 27.47
CA ALA C 21 -9.72 -0.07 26.38
C ALA C 21 -11.05 -0.52 25.79
N LEU C 22 -11.21 -0.38 24.48
CA LEU C 22 -12.46 -0.71 23.81
C LEU C 22 -12.26 -1.72 22.69
N VAL C 23 -13.15 -2.69 22.61
CA VAL C 23 -13.17 -3.69 21.55
C VAL C 23 -14.56 -3.65 20.91
N VAL C 24 -14.60 -3.38 19.61
CA VAL C 24 -15.81 -3.37 18.82
C VAL C 24 -15.46 -4.40 17.75
N GLU C 25 -15.90 -5.63 17.94
CA GLU C 25 -15.47 -6.75 17.11
C GLU C 25 -16.19 -7.00 15.79
N VAL C 26 -15.41 -6.98 14.71
CA VAL C 26 -15.91 -7.28 13.37
C VAL C 26 -15.08 -8.47 12.87
N VAL C 27 -15.73 -9.62 12.73
CA VAL C 27 -15.03 -10.86 12.38
C VAL C 27 -14.69 -10.98 10.90
N GLU C 28 -15.65 -10.63 10.04
CA GLU C 28 -15.46 -10.62 8.59
C GLU C 28 -14.22 -9.83 8.22
N GLU C 29 -13.36 -10.38 7.37
CA GLU C 29 -12.14 -9.69 6.97
C GLU C 29 -12.42 -8.35 6.33
N ASN C 30 -13.39 -8.33 5.43
CA ASN C 30 -13.83 -7.12 4.77
C ASN C 30 -14.90 -6.53 5.67
N TYR C 31 -14.54 -5.47 6.39
CA TYR C 31 -15.45 -4.86 7.37
C TYR C 31 -16.49 -3.86 6.85
N HIS C 32 -16.57 -3.66 5.54
CA HIS C 32 -17.53 -2.73 4.98
C HIS C 32 -18.94 -3.28 5.05
N ASP C 33 -19.79 -2.55 5.77
CA ASP C 33 -21.20 -2.89 5.99
C ASP C 33 -21.33 -4.25 6.70
N ALA C 34 -20.34 -4.58 7.52
CA ALA C 34 -20.27 -5.87 8.20
C ALA C 34 -20.79 -5.82 9.64
N PRO C 35 -21.20 -6.99 10.17
CA PRO C 35 -21.71 -7.04 11.54
C PRO C 35 -20.68 -6.79 12.62
N ILE C 36 -21.15 -6.20 13.72
CA ILE C 36 -20.35 -6.03 14.90
C ILE C 36 -20.88 -7.13 15.81
N VAL C 37 -20.08 -8.16 16.05
CA VAL C 37 -20.53 -9.32 16.83
C VAL C 37 -20.51 -9.15 18.36
N GLY C 38 -19.78 -8.16 18.85
CA GLY C 38 -19.71 -7.98 20.28
C GLY C 38 -18.91 -6.77 20.67
N ILE C 39 -19.05 -6.38 21.93
CA ILE C 39 -18.37 -5.22 22.47
C ILE C 39 -17.79 -5.52 23.85
N ALA C 40 -16.56 -5.07 24.08
CA ALA C 40 -15.91 -5.22 25.38
C ALA C 40 -15.31 -3.89 25.81
N VAL C 41 -15.41 -3.59 27.10
CA VAL C 41 -14.87 -2.37 27.68
C VAL C 41 -14.11 -2.69 28.96
N VAL C 42 -12.89 -2.16 29.08
CA VAL C 42 -12.11 -2.31 30.31
C VAL C 42 -11.66 -0.91 30.74
N ASN C 43 -11.91 -0.58 32.00
CA ASN C 43 -11.52 0.71 32.57
C ASN C 43 -11.20 0.54 34.04
N GLU C 44 -11.09 1.65 34.79
CA GLU C 44 -10.77 1.57 36.22
C GLU C 44 -11.85 0.88 37.05
N HIS C 45 -13.07 0.82 36.51
CA HIS C 45 -14.21 0.23 37.23
C HIS C 45 -14.41 -1.26 37.02
N GLY C 46 -13.80 -1.81 35.97
CA GLY C 46 -13.90 -3.24 35.72
C GLY C 46 -13.84 -3.63 34.27
N ARG C 47 -14.27 -4.85 33.98
CA ARG C 47 -14.30 -5.42 32.64
C ARG C 47 -15.75 -5.70 32.30
N PHE C 48 -16.17 -5.32 31.10
CA PHE C 48 -17.57 -5.45 30.70
C PHE C 48 -17.73 -6.03 29.30
N PHE C 49 -18.81 -6.77 29.09
CA PHE C 49 -19.17 -7.25 27.77
C PHE C 49 -20.59 -6.80 27.46
N LEU C 50 -20.77 -6.20 26.29
CA LEU C 50 -22.08 -5.72 25.85
C LEU C 50 -22.45 -6.28 24.49
N ARG C 51 -23.72 -6.66 24.35
CA ARG C 51 -24.25 -7.14 23.08
C ARG C 51 -24.42 -5.91 22.18
N PRO C 52 -24.00 -6.01 20.91
CA PRO C 52 -24.04 -4.87 19.98
C PRO C 52 -25.41 -4.26 19.74
N GLU C 53 -26.46 -5.09 19.67
CA GLU C 53 -27.81 -4.59 19.42
C GLU C 53 -28.32 -3.72 20.58
N THR C 54 -27.79 -4.00 21.77
CA THR C 54 -28.12 -3.28 23.00
C THR C 54 -27.32 -1.98 23.11
N ALA C 55 -25.99 -2.10 23.03
CA ALA C 55 -25.08 -0.97 23.18
C ALA C 55 -25.21 0.10 22.09
N LEU C 56 -25.35 -0.34 20.85
CA LEU C 56 -25.42 0.58 19.73
C LEU C 56 -26.78 1.28 19.55
N ALA C 57 -27.75 0.89 20.37
CA ALA C 57 -29.07 1.48 20.37
C ALA C 57 -29.21 2.39 21.60
N ASP C 58 -28.19 2.37 22.47
CA ASP C 58 -28.18 3.18 23.68
C ASP C 58 -27.55 4.54 23.41
N PRO C 59 -28.35 5.62 23.50
CA PRO C 59 -27.91 7.01 23.29
C PRO C 59 -26.71 7.43 24.13
N GLN C 60 -26.64 6.97 25.38
CA GLN C 60 -25.51 7.31 26.26
C GLN C 60 -24.21 6.64 25.80
N PHE C 61 -24.31 5.41 25.29
CA PHE C 61 -23.13 4.70 24.77
C PHE C 61 -22.66 5.29 23.45
N VAL C 62 -23.60 5.58 22.55
CA VAL C 62 -23.29 6.20 21.26
C VAL C 62 -22.64 7.57 21.47
N ALA C 63 -23.14 8.32 22.46
CA ALA C 63 -22.59 9.63 22.77
C ALA C 63 -21.17 9.48 23.31
N TRP C 64 -20.96 8.47 24.15
CA TRP C 64 -19.63 8.17 24.71
C TRP C 64 -18.67 7.85 23.57
N LEU C 65 -19.10 7.00 22.63
CA LEU C 65 -18.29 6.65 21.46
C LEU C 65 -17.84 7.88 20.67
N GLY C 66 -18.74 8.84 20.50
CA GLY C 66 -18.44 10.04 19.75
C GLY C 66 -17.84 11.19 20.53
N ASP C 67 -17.64 11.01 21.83
CA ASP C 67 -17.04 12.07 22.65
C ASP C 67 -15.51 11.96 22.60
N GLU C 68 -14.90 12.96 21.96
CA GLU C 68 -13.45 13.06 21.78
C GLU C 68 -12.69 13.19 23.10
N THR C 69 -13.35 13.65 24.16
CA THR C 69 -12.70 13.80 25.46
C THR C 69 -12.66 12.50 26.25
N LYS C 70 -13.43 11.50 25.78
CA LYS C 70 -13.45 10.18 26.38
C LYS C 70 -12.44 9.36 25.60
N LYS C 71 -11.27 9.11 26.18
CA LYS C 71 -10.17 8.43 25.48
C LYS C 71 -10.30 6.92 25.40
N LYS C 72 -10.08 6.36 24.22
CA LYS C 72 -10.13 4.91 24.01
C LYS C 72 -8.81 4.36 23.48
N SER C 73 -8.48 3.16 23.96
CA SER C 73 -7.31 2.44 23.50
C SER C 73 -7.85 1.22 22.78
N MET C 74 -7.38 0.99 21.56
CA MET C 74 -7.92 -0.08 20.75
C MET C 74 -6.87 -0.83 19.95
N PHE C 75 -7.32 -1.82 19.19
CA PHE C 75 -6.46 -2.53 18.26
C PHE C 75 -7.20 -2.45 16.93
N ASP C 76 -6.60 -1.78 15.94
CA ASP C 76 -7.21 -1.63 14.61
C ASP C 76 -8.50 -0.82 14.73
N SER C 77 -8.36 0.39 15.28
CA SER C 77 -9.51 1.27 15.43
C SER C 77 -10.17 1.61 14.09
N LYS C 78 -9.42 1.57 12.99
CA LYS C 78 -9.97 1.87 11.67
C LYS C 78 -11.07 0.89 11.25
N ARG C 79 -10.90 -0.38 11.60
CA ARG C 79 -11.88 -1.43 11.31
C ARG C 79 -13.19 -1.13 12.02
N ALA C 80 -13.08 -0.69 13.28
CA ALA C 80 -14.21 -0.38 14.12
C ALA C 80 -14.89 0.88 13.61
N ALA C 81 -14.08 1.90 13.35
CA ALA C 81 -14.57 3.18 12.86
C ALA C 81 -15.38 3.07 11.58
N VAL C 82 -14.90 2.26 10.62
CA VAL C 82 -15.62 2.09 9.38
C VAL C 82 -16.92 1.30 9.57
N ALA C 83 -16.86 0.19 10.31
CA ALA C 83 -18.05 -0.61 10.55
C ALA C 83 -19.12 0.24 11.24
N LEU C 84 -18.69 1.15 12.10
CA LEU C 84 -19.58 2.08 12.79
C LEU C 84 -20.09 3.17 11.85
N LYS C 85 -19.27 3.63 10.91
CA LYS C 85 -19.70 4.61 9.91
C LYS C 85 -20.86 4.05 9.08
N TRP C 86 -20.79 2.77 8.73
CA TRP C 86 -21.88 2.14 7.97
C TRP C 86 -23.19 2.07 8.75
N LYS C 87 -23.10 2.21 10.08
CA LYS C 87 -24.27 2.20 10.96
C LYS C 87 -24.69 3.60 11.40
N GLY C 88 -23.99 4.61 10.89
CA GLY C 88 -24.29 6.00 11.22
C GLY C 88 -23.77 6.44 12.57
N ILE C 89 -22.72 5.77 13.05
CA ILE C 89 -22.14 6.06 14.36
C ILE C 89 -20.69 6.54 14.24
N GLU C 90 -20.39 7.67 14.87
CA GLU C 90 -19.06 8.27 14.84
C GLU C 90 -18.22 7.84 16.04
N LEU C 91 -17.03 7.33 15.75
CA LEU C 91 -16.09 6.91 16.79
C LEU C 91 -15.02 7.98 16.95
N CYS C 92 -14.91 8.54 18.16
CA CYS C 92 -13.93 9.58 18.44
C CYS C 92 -13.13 9.28 19.71
N GLY C 93 -12.00 9.96 19.88
CA GLY C 93 -11.21 9.82 21.11
C GLY C 93 -10.25 8.66 21.19
N VAL C 94 -10.00 7.99 20.06
CA VAL C 94 -9.04 6.89 20.06
C VAL C 94 -7.65 7.52 20.21
N SER C 95 -7.07 7.38 21.40
CA SER C 95 -5.76 7.95 21.69
C SER C 95 -4.60 6.98 21.54
N PHE C 96 -4.88 5.67 21.45
CA PHE C 96 -3.84 4.66 21.30
C PHE C 96 -4.34 3.48 20.48
N ASP C 97 -3.60 3.12 19.44
CA ASP C 97 -3.97 1.99 18.61
C ASP C 97 -2.82 1.00 18.68
N LEU C 98 -3.06 -0.14 19.31
CA LEU C 98 -2.07 -1.19 19.54
C LEU C 98 -1.52 -1.83 18.27
N LEU C 99 -2.35 -1.94 17.25
CA LEU C 99 -1.88 -2.47 15.96
C LEU C 99 -0.82 -1.53 15.35
N LEU C 100 -1.14 -0.24 15.29
CA LEU C 100 -0.21 0.74 14.72
C LEU C 100 1.04 0.88 15.56
N ALA C 101 0.89 0.76 16.88
CA ALA C 101 2.04 0.85 17.81
C ALA C 101 3.00 -0.33 17.60
N ALA C 102 2.45 -1.54 17.49
CA ALA C 102 3.24 -2.74 17.24
C ALA C 102 3.93 -2.64 15.89
N TYR C 103 3.22 -2.12 14.90
CA TYR C 103 3.74 -1.97 13.55
C TYR C 103 4.94 -1.04 13.48
N LEU C 104 4.89 0.07 14.22
CA LEU C 104 6.02 0.99 14.21
C LEU C 104 7.22 0.41 14.95
N LEU C 105 6.97 -0.35 16.01
CA LEU C 105 8.03 -0.96 16.79
C LEU C 105 8.79 -1.99 15.98
N ASP C 106 8.06 -2.80 15.20
CA ASP C 106 8.70 -3.79 14.34
C ASP C 106 7.68 -4.33 13.33
N PRO C 107 7.73 -3.81 12.09
CA PRO C 107 6.84 -4.26 11.01
C PRO C 107 7.10 -5.70 10.55
N ALA C 108 8.27 -6.24 10.85
CA ALA C 108 8.61 -7.61 10.45
C ALA C 108 7.87 -8.69 11.26
N GLN C 109 7.32 -8.31 12.41
CA GLN C 109 6.61 -9.26 13.26
C GLN C 109 5.31 -9.74 12.62
N GLY C 110 4.76 -8.93 11.72
CA GLY C 110 3.51 -9.28 11.05
C GLY C 110 2.35 -9.40 12.01
N VAL C 111 2.35 -8.52 13.02
CA VAL C 111 1.30 -8.49 14.04
C VAL C 111 -0.04 -8.20 13.38
N ASP C 112 -0.97 -9.16 13.48
CA ASP C 112 -2.29 -8.98 12.90
C ASP C 112 -3.42 -9.31 13.87
N ASP C 113 -3.07 -9.58 15.12
CA ASP C 113 -4.08 -9.75 16.18
C ASP C 113 -3.48 -9.29 17.51
N VAL C 114 -4.33 -9.06 18.50
CA VAL C 114 -3.88 -8.60 19.83
C VAL C 114 -2.86 -9.55 20.45
N ALA C 115 -3.07 -10.85 20.27
CA ALA C 115 -2.19 -11.87 20.81
C ALA C 115 -0.75 -11.76 20.31
N ALA C 116 -0.59 -11.45 19.03
CA ALA C 116 0.75 -11.31 18.44
C ALA C 116 1.45 -10.05 18.97
N ALA C 117 0.69 -8.97 19.18
CA ALA C 117 1.26 -7.74 19.76
C ALA C 117 1.64 -7.97 21.22
N ALA C 118 0.76 -8.64 21.95
CA ALA C 118 0.95 -8.96 23.37
C ALA C 118 2.16 -9.85 23.64
N LYS C 119 2.44 -10.76 22.71
CA LYS C 119 3.57 -11.68 22.85
C LYS C 119 4.92 -10.94 22.84
N MET C 120 4.95 -9.76 22.22
CA MET C 120 6.15 -8.89 22.18
C MET C 120 6.57 -8.39 23.58
N LYS C 121 5.62 -8.34 24.50
CA LYS C 121 5.89 -7.88 25.86
C LYS C 121 5.62 -9.00 26.88
N GLN C 122 5.75 -10.25 26.44
CA GLN C 122 5.61 -11.45 27.28
C GLN C 122 4.25 -11.60 27.97
N TYR C 123 3.21 -11.10 27.30
CA TYR C 123 1.85 -11.19 27.80
C TYR C 123 1.16 -12.22 26.92
N GLU C 124 0.71 -13.32 27.52
CA GLU C 124 0.07 -14.39 26.75
C GLU C 124 -1.29 -14.83 27.26
N ALA C 125 -1.92 -14.00 28.09
CA ALA C 125 -3.24 -14.29 28.64
C ALA C 125 -4.37 -13.88 27.68
N VAL C 126 -4.18 -14.21 26.41
CA VAL C 126 -5.14 -13.90 25.35
C VAL C 126 -4.88 -14.85 24.17
N ARG C 127 -5.96 -15.35 23.58
CA ARG C 127 -5.86 -16.28 22.46
C ARG C 127 -5.74 -15.55 21.12
N PRO C 128 -5.08 -16.18 20.13
CA PRO C 128 -5.08 -15.62 18.79
C PRO C 128 -6.50 -15.67 18.22
N ASP C 129 -6.85 -14.72 17.35
CA ASP C 129 -8.18 -14.68 16.75
C ASP C 129 -8.52 -15.94 15.97
N GLU C 130 -7.53 -16.49 15.26
CA GLU C 130 -7.71 -17.69 14.45
C GLU C 130 -8.08 -18.90 15.31
N ALA C 131 -7.54 -18.95 16.52
CA ALA C 131 -7.82 -20.04 17.47
C ALA C 131 -9.27 -20.00 17.94
N VAL C 132 -9.83 -18.80 18.02
CA VAL C 132 -11.21 -18.64 18.45
C VAL C 132 -12.20 -18.77 17.29
N TYR C 133 -11.90 -18.11 16.18
CA TYR C 133 -12.82 -18.09 15.03
C TYR C 133 -12.60 -19.17 13.99
N GLY C 134 -11.42 -19.79 13.96
CA GLY C 134 -11.14 -20.81 12.96
C GLY C 134 -10.69 -20.13 11.67
N LYS C 135 -10.54 -20.90 10.60
CA LYS C 135 -10.12 -20.33 9.31
C LYS C 135 -10.79 -20.91 8.07
N GLY C 136 -11.12 -20.02 7.14
CA GLY C 136 -11.72 -20.40 5.85
C GLY C 136 -13.17 -20.83 5.89
N ALA C 137 -13.42 -22.05 5.43
CA ALA C 137 -14.77 -22.63 5.41
C ALA C 137 -15.27 -22.94 6.82
N LYS C 138 -14.34 -23.15 7.74
CA LYS C 138 -14.68 -23.46 9.13
C LYS C 138 -14.78 -22.20 10.01
N ARG C 139 -14.54 -21.02 9.42
CA ARG C 139 -14.58 -19.76 10.15
C ARG C 139 -15.99 -19.46 10.63
N ALA C 140 -16.12 -19.24 11.93
CA ALA C 140 -17.42 -18.96 12.55
C ALA C 140 -17.28 -18.27 13.89
N VAL C 141 -18.30 -17.49 14.23
CA VAL C 141 -18.36 -16.80 15.50
C VAL C 141 -18.84 -17.84 16.52
N PRO C 142 -18.10 -18.00 17.63
CA PRO C 142 -18.50 -18.98 18.62
C PRO C 142 -19.67 -18.49 19.48
N ASP C 143 -20.18 -19.36 20.33
CA ASP C 143 -21.30 -19.03 21.22
C ASP C 143 -20.90 -17.93 22.20
N GLU C 144 -21.89 -17.21 22.73
CA GLU C 144 -21.65 -16.06 23.61
C GLU C 144 -20.62 -16.20 24.77
N PRO C 145 -20.62 -17.32 25.52
CA PRO C 145 -19.62 -17.38 26.59
C PRO C 145 -18.17 -17.40 26.09
N VAL C 146 -17.93 -18.05 24.97
CA VAL C 146 -16.59 -18.12 24.39
C VAL C 146 -16.22 -16.78 23.76
N LEU C 147 -17.17 -16.19 23.04
CA LEU C 147 -16.99 -14.90 22.37
C LEU C 147 -16.69 -13.80 23.38
N ALA C 148 -17.51 -13.73 24.43
CA ALA C 148 -17.38 -12.71 25.46
C ALA C 148 -16.06 -12.71 26.21
N GLU C 149 -15.58 -13.90 26.57
CA GLU C 149 -14.31 -14.00 27.29
C GLU C 149 -13.15 -13.56 26.40
N HIS C 150 -13.21 -13.92 25.13
CA HIS C 150 -12.17 -13.53 24.17
C HIS C 150 -12.09 -12.02 24.03
N LEU C 151 -13.24 -11.36 23.86
CA LEU C 151 -13.26 -9.91 23.69
C LEU C 151 -12.77 -9.17 24.92
N VAL C 152 -13.14 -9.67 26.09
CA VAL C 152 -12.71 -9.08 27.36
C VAL C 152 -11.20 -9.25 27.55
N ARG C 153 -10.69 -10.43 27.19
CA ARG C 153 -9.25 -10.71 27.27
C ARG C 153 -8.45 -9.80 26.34
N LYS C 154 -8.99 -9.54 25.15
CA LYS C 154 -8.35 -8.64 24.19
C LYS C 154 -8.30 -7.22 24.75
N ALA C 155 -9.41 -6.74 25.31
CA ALA C 155 -9.49 -5.41 25.91
C ALA C 155 -8.59 -5.29 27.13
N ALA C 156 -8.50 -6.37 27.90
CA ALA C 156 -7.63 -6.41 29.08
C ALA C 156 -6.15 -6.28 28.67
N ALA C 157 -5.75 -6.99 27.62
CA ALA C 157 -4.37 -6.92 27.12
C ALA C 157 -4.06 -5.50 26.65
N ILE C 158 -4.97 -4.90 25.88
CA ILE C 158 -4.82 -3.53 25.39
C ILE C 158 -4.64 -2.56 26.56
N TRP C 159 -5.50 -2.70 27.58
CA TRP C 159 -5.44 -1.90 28.79
C TRP C 159 -4.07 -2.00 29.46
N GLU C 160 -3.56 -3.22 29.51
CA GLU C 160 -2.27 -3.51 30.14
C GLU C 160 -1.04 -3.10 29.32
N LEU C 161 -1.16 -3.25 28.00
CA LEU C 161 -0.02 -3.06 27.11
C LEU C 161 0.25 -1.66 26.62
N GLU C 162 -0.70 -0.74 26.83
CA GLU C 162 -0.54 0.63 26.37
C GLU C 162 0.73 1.31 26.90
N ARG C 163 0.93 1.26 28.22
CA ARG C 163 2.09 1.86 28.87
C ARG C 163 3.45 1.34 28.35
N PRO C 164 3.69 0.00 28.39
CA PRO C 164 4.95 -0.51 27.83
C PRO C 164 5.15 -0.24 26.34
N PHE C 165 4.10 -0.24 25.54
CA PHE C 165 4.27 0.08 24.12
C PHE C 165 4.65 1.54 23.93
N LEU C 166 3.94 2.43 24.60
CA LEU C 166 4.24 3.86 24.53
C LEU C 166 5.65 4.19 25.02
N ASP C 167 6.10 3.48 26.07
CA ASP C 167 7.45 3.69 26.62
C ASP C 167 8.55 3.31 25.65
N GLU C 168 8.35 2.23 24.90
CA GLU C 168 9.37 1.81 23.95
C GLU C 168 9.36 2.72 22.74
N LEU C 169 8.17 3.14 22.30
CA LEU C 169 8.07 4.08 21.18
C LEU C 169 8.79 5.38 21.54
N ARG C 170 8.60 5.83 22.77
CA ARG C 170 9.27 7.05 23.26
C ARG C 170 10.80 6.91 23.22
N ARG C 171 11.28 5.75 23.66
CA ARG C 171 12.71 5.45 23.69
C ARG C 171 13.27 5.42 22.26
N ASN C 172 12.47 4.90 21.32
CA ASN C 172 12.84 4.86 19.90
C ASN C 172 12.63 6.20 19.18
N GLU C 173 12.16 7.23 19.89
CA GLU C 173 11.81 8.54 19.31
C GLU C 173 10.72 8.40 18.24
N GLN C 174 9.76 7.53 18.53
CA GLN C 174 8.65 7.24 17.64
C GLN C 174 7.29 7.59 18.24
N ASP C 175 7.28 8.24 19.41
CA ASP C 175 6.03 8.63 20.05
C ASP C 175 5.19 9.59 19.19
N ARG C 176 5.86 10.56 18.58
CA ARG C 176 5.19 11.52 17.71
C ARG C 176 4.77 10.85 16.40
N LEU C 177 5.54 9.86 15.94
CA LEU C 177 5.19 9.13 14.71
C LEU C 177 3.84 8.44 14.87
N LEU C 178 3.60 7.87 16.04
CA LEU C 178 2.33 7.24 16.33
C LEU C 178 1.19 8.25 16.50
N VAL C 179 1.39 9.20 17.40
CA VAL C 179 0.37 10.16 17.79
C VAL C 179 0.06 11.26 16.77
N GLU C 180 1.08 11.73 16.06
CA GLU C 180 0.89 12.82 15.12
C GLU C 180 0.80 12.41 13.65
N LEU C 181 1.23 11.19 13.32
CA LEU C 181 1.16 10.73 11.93
C LEU C 181 0.22 9.55 11.68
N GLU C 182 0.54 8.38 12.23
CA GLU C 182 -0.20 7.16 11.92
C GLU C 182 -1.64 7.13 12.44
N GLN C 183 -1.84 7.57 13.67
CA GLN C 183 -3.19 7.57 14.22
C GLN C 183 -4.11 8.58 13.53
N PRO C 184 -3.68 9.85 13.35
CA PRO C 184 -4.54 10.73 12.55
C PRO C 184 -4.77 10.22 11.13
N LEU C 185 -3.75 9.61 10.52
CA LEU C 185 -3.89 9.07 9.16
C LEU C 185 -4.94 7.97 9.09
N SER C 186 -5.00 7.15 10.15
CA SER C 186 -5.96 6.06 10.26
C SER C 186 -7.38 6.59 10.05
N SER C 187 -7.70 7.71 10.69
CA SER C 187 -9.02 8.35 10.57
C SER C 187 -9.32 8.84 9.15
N ILE C 188 -8.29 9.34 8.48
CA ILE C 188 -8.42 9.83 7.11
C ILE C 188 -8.68 8.66 6.17
N LEU C 189 -7.93 7.57 6.35
CA LEU C 189 -8.11 6.35 5.55
C LEU C 189 -9.51 5.77 5.73
N ALA C 190 -10.04 5.87 6.94
CA ALA C 190 -11.38 5.41 7.27
C ALA C 190 -12.43 6.18 6.49
N GLU C 191 -12.27 7.49 6.39
CA GLU C 191 -13.18 8.33 5.59
C GLU C 191 -13.11 7.94 4.11
N MET C 192 -11.89 7.76 3.59
CA MET C 192 -11.66 7.41 2.17
C MET C 192 -12.31 6.11 1.77
N GLU C 193 -12.11 5.09 2.60
CA GLU C 193 -12.63 3.75 2.36
C GLU C 193 -14.14 3.76 2.41
N PHE C 194 -14.68 4.47 3.38
CA PHE C 194 -16.13 4.58 3.54
C PHE C 194 -16.74 5.32 2.35
N ALA C 195 -16.11 6.42 1.93
CA ALA C 195 -16.60 7.19 0.78
C ALA C 195 -16.70 6.31 -0.46
N GLY C 196 -15.65 5.54 -0.75
CA GLY C 196 -15.65 4.67 -1.91
C GLY C 196 -15.42 5.41 -3.22
N VAL C 197 -15.28 4.65 -4.31
CA VAL C 197 -15.09 5.25 -5.63
C VAL C 197 -16.20 4.69 -6.52
N LYS C 198 -16.93 5.60 -7.16
CA LYS C 198 -18.04 5.26 -8.04
C LYS C 198 -17.48 4.59 -9.28
N VAL C 199 -18.13 3.53 -9.72
CA VAL C 199 -17.73 2.77 -10.91
C VAL C 199 -18.83 2.79 -11.98
N ASP C 200 -18.44 2.99 -13.23
CA ASP C 200 -19.35 2.97 -14.35
C ASP C 200 -19.39 1.51 -14.83
N THR C 201 -20.27 0.73 -14.21
CA THR C 201 -20.39 -0.70 -14.50
C THR C 201 -20.75 -1.02 -15.95
N LYS C 202 -21.58 -0.18 -16.57
CA LYS C 202 -22.00 -0.41 -17.96
C LYS C 202 -20.83 -0.26 -18.93
N ARG C 203 -19.92 0.65 -18.63
CA ARG C 203 -18.69 0.83 -19.42
C ARG C 203 -17.87 -0.45 -19.29
N LEU C 204 -17.67 -0.91 -18.06
CA LEU C 204 -16.94 -2.16 -17.78
C LEU C 204 -17.51 -3.38 -18.50
N GLU C 205 -18.83 -3.53 -18.44
CA GLU C 205 -19.54 -4.65 -19.08
C GLU C 205 -19.41 -4.63 -20.59
N GLN C 206 -19.33 -3.43 -21.16
CA GLN C 206 -19.18 -3.27 -22.60
C GLN C 206 -17.75 -3.56 -23.04
N MET C 207 -16.78 -3.15 -22.21
CA MET C 207 -15.37 -3.47 -22.46
C MET C 207 -15.18 -4.97 -22.37
N GLY C 208 -15.88 -5.59 -21.43
CA GLY C 208 -15.83 -7.04 -21.23
C GLY C 208 -16.35 -7.81 -22.43
N LYS C 209 -17.37 -7.27 -23.08
CA LYS C 209 -17.95 -7.90 -24.28
C LYS C 209 -17.03 -7.79 -25.49
N GLU C 210 -16.33 -6.67 -25.59
CA GLU C 210 -15.37 -6.45 -26.67
C GLU C 210 -14.16 -7.34 -26.48
N LEU C 211 -13.70 -7.48 -25.24
CA LEU C 211 -12.57 -8.34 -24.89
C LEU C 211 -12.88 -9.81 -25.17
N ALA C 212 -14.10 -10.23 -24.85
CA ALA C 212 -14.54 -11.61 -25.06
C ALA C 212 -14.56 -11.95 -26.55
N GLU C 213 -14.85 -10.96 -27.38
CA GLU C 213 -14.86 -11.15 -28.83
C GLU C 213 -13.42 -11.27 -29.32
N GLN C 214 -12.55 -10.41 -28.81
CA GLN C 214 -11.14 -10.41 -29.19
C GLN C 214 -10.39 -11.62 -28.66
N LEU C 215 -10.75 -12.09 -27.46
CA LEU C 215 -10.14 -13.29 -26.90
C LEU C 215 -10.46 -14.52 -27.73
N GLY C 216 -11.71 -14.61 -28.20
CA GLY C 216 -12.17 -15.74 -29.02
C GLY C 216 -11.41 -15.85 -30.32
N THR C 217 -11.22 -14.71 -30.98
CA THR C 217 -10.50 -14.62 -32.26
C THR C 217 -9.04 -15.08 -32.09
N VAL C 218 -8.34 -14.46 -31.14
CA VAL C 218 -6.95 -14.76 -30.83
C VAL C 218 -6.79 -16.22 -30.33
N GLU C 219 -7.73 -16.67 -29.50
CA GLU C 219 -7.73 -18.02 -28.97
C GLU C 219 -7.78 -19.06 -30.10
N GLN C 220 -8.66 -18.83 -31.07
CA GLN C 220 -8.80 -19.74 -32.21
C GLN C 220 -7.59 -19.68 -33.15
N ARG C 221 -6.96 -18.51 -33.21
CA ARG C 221 -5.77 -18.31 -34.01
C ARG C 221 -4.61 -19.11 -33.40
N ILE C 222 -4.55 -19.14 -32.07
CA ILE C 222 -3.55 -19.90 -31.33
C ILE C 222 -3.69 -21.40 -31.59
N TYR C 223 -4.92 -21.91 -31.67
CA TYR C 223 -5.14 -23.33 -31.93
C TYR C 223 -4.85 -23.69 -33.40
N GLU C 224 -4.97 -22.71 -34.27
CA GLU C 224 -4.71 -22.88 -35.69
C GLU C 224 -3.20 -22.96 -35.93
N LEU C 225 -2.45 -22.10 -35.24
CA LEU C 225 -0.99 -22.06 -35.37
C LEU C 225 -0.30 -23.23 -34.65
N ALA C 226 -1.01 -23.86 -33.73
CA ALA C 226 -0.46 -25.00 -32.99
C ALA C 226 -1.01 -26.31 -33.56
N GLY C 227 -2.08 -26.21 -34.33
CA GLY C 227 -2.74 -27.38 -34.94
C GLY C 227 -3.37 -28.29 -33.90
N GLN C 228 -3.61 -27.74 -32.71
CA GLN C 228 -4.11 -28.49 -31.58
C GLN C 228 -4.75 -27.56 -30.56
N GLU C 229 -5.80 -28.02 -29.89
CA GLU C 229 -6.45 -27.24 -28.84
C GLU C 229 -5.86 -27.62 -27.47
N PHE C 230 -5.67 -26.62 -26.61
CA PHE C 230 -5.09 -26.83 -25.28
C PHE C 230 -5.43 -25.67 -24.36
N ASN C 231 -5.08 -25.79 -23.08
CA ASN C 231 -5.33 -24.72 -22.12
C ASN C 231 -4.15 -23.75 -22.14
N ILE C 232 -4.35 -22.62 -22.80
CA ILE C 232 -3.34 -21.57 -22.94
C ILE C 232 -2.95 -20.97 -21.57
N ASN C 233 -3.92 -20.88 -20.66
CA ASN C 233 -3.70 -20.38 -19.30
C ASN C 233 -2.94 -21.33 -18.38
N SER C 234 -2.59 -22.49 -18.92
CA SER C 234 -1.81 -23.49 -18.22
C SER C 234 -0.36 -23.42 -18.72
N PRO C 235 0.54 -22.83 -17.92
CA PRO C 235 1.95 -22.75 -18.30
C PRO C 235 2.57 -24.13 -18.57
N LYS C 236 1.99 -25.17 -17.98
CA LYS C 236 2.45 -26.54 -18.16
C LYS C 236 2.12 -27.04 -19.56
N GLN C 237 0.85 -26.90 -19.95
CA GLN C 237 0.38 -27.33 -21.28
C GLN C 237 0.95 -26.46 -22.40
N LEU C 238 1.12 -25.18 -22.12
CA LEU C 238 1.68 -24.23 -23.07
C LEU C 238 3.13 -24.57 -23.35
N GLY C 239 3.87 -24.91 -22.29
CA GLY C 239 5.28 -25.29 -22.40
C GLY C 239 5.50 -26.52 -23.29
N VAL C 240 4.51 -27.41 -23.32
CA VAL C 240 4.56 -28.60 -24.16
C VAL C 240 4.40 -28.23 -25.64
N ILE C 241 3.47 -27.31 -25.92
CA ILE C 241 3.21 -26.84 -27.27
C ILE C 241 4.42 -26.08 -27.83
N LEU C 242 4.96 -25.17 -27.03
CA LEU C 242 6.06 -24.32 -27.46
C LEU C 242 7.43 -24.97 -27.53
N PHE C 243 7.82 -25.60 -26.43
CA PHE C 243 9.17 -26.15 -26.32
C PHE C 243 9.36 -27.61 -26.75
N GLU C 244 8.27 -28.31 -27.00
CA GLU C 244 8.37 -29.70 -27.43
C GLU C 244 7.80 -29.89 -28.84
N LYS C 245 6.54 -29.49 -29.03
CA LYS C 245 5.90 -29.63 -30.34
C LYS C 245 6.45 -28.67 -31.40
N LEU C 246 6.63 -27.40 -31.02
CA LEU C 246 7.12 -26.39 -31.95
C LEU C 246 8.62 -26.18 -31.89
N GLN C 247 9.27 -26.89 -30.98
CA GLN C 247 10.74 -26.90 -30.83
C GLN C 247 11.44 -25.58 -30.50
N LEU C 248 10.71 -24.61 -29.95
CA LEU C 248 11.31 -23.32 -29.60
C LEU C 248 12.40 -23.48 -28.56
N PRO C 249 13.42 -22.59 -28.60
CA PRO C 249 14.54 -22.67 -27.63
C PRO C 249 14.13 -22.38 -26.19
N VAL C 250 14.76 -23.09 -25.26
CA VAL C 250 14.52 -22.91 -23.83
C VAL C 250 15.62 -21.97 -23.33
N LEU C 251 15.27 -20.69 -23.18
CA LEU C 251 16.23 -19.67 -22.76
C LEU C 251 16.27 -19.52 -21.25
N LYS C 252 15.18 -19.94 -20.61
CA LYS C 252 15.04 -19.87 -19.16
C LYS C 252 14.06 -20.94 -18.70
N LYS C 253 14.33 -21.50 -17.53
CA LYS C 253 13.47 -22.53 -16.94
C LYS C 253 13.05 -22.14 -15.52
N THR C 254 11.92 -22.70 -15.08
CA THR C 254 11.42 -22.46 -13.73
C THR C 254 11.84 -23.64 -12.86
N LYS C 255 11.29 -23.73 -11.65
CA LYS C 255 11.62 -24.84 -10.76
C LYS C 255 10.88 -26.13 -11.14
N THR C 256 9.69 -26.00 -11.72
CA THR C 256 8.87 -27.15 -12.11
C THR C 256 8.82 -27.43 -13.64
N GLY C 257 9.43 -26.56 -14.45
CA GLY C 257 9.42 -26.76 -15.90
C GLY C 257 10.01 -25.63 -16.74
N TYR C 258 9.36 -25.34 -17.86
CA TYR C 258 9.80 -24.28 -18.76
C TYR C 258 9.17 -22.94 -18.39
N SER C 259 9.93 -21.86 -18.58
CA SER C 259 9.42 -20.51 -18.31
C SER C 259 8.64 -19.96 -19.50
N THR C 260 7.45 -19.43 -19.22
CA THR C 260 6.60 -18.82 -20.25
C THR C 260 6.29 -17.36 -19.95
N SER C 261 7.21 -16.70 -19.23
CA SER C 261 7.11 -15.28 -18.88
C SER C 261 7.07 -14.40 -20.12
N ALA C 262 6.57 -13.18 -19.97
CA ALA C 262 6.46 -12.23 -21.08
C ALA C 262 7.82 -11.87 -21.67
N ASP C 263 8.81 -11.64 -20.82
CA ASP C 263 10.16 -11.29 -21.30
C ASP C 263 10.83 -12.45 -22.03
N VAL C 264 10.53 -13.68 -21.59
CA VAL C 264 11.03 -14.89 -22.23
C VAL C 264 10.36 -15.04 -23.61
N LEU C 265 9.04 -14.91 -23.63
CA LEU C 265 8.26 -14.98 -24.87
C LEU C 265 8.61 -13.87 -25.84
N GLU C 266 9.00 -12.71 -25.31
CA GLU C 266 9.37 -11.55 -26.12
C GLU C 266 10.56 -11.91 -27.03
N LYS C 267 11.50 -12.69 -26.48
CA LYS C 267 12.69 -13.14 -27.20
C LYS C 267 12.42 -14.27 -28.21
N LEU C 268 11.34 -15.01 -28.01
CA LEU C 268 11.01 -16.15 -28.86
C LEU C 268 10.11 -15.78 -30.04
N ALA C 269 9.65 -14.53 -30.08
CA ALA C 269 8.75 -14.04 -31.13
C ALA C 269 9.20 -14.30 -32.59
N PRO C 270 10.45 -13.96 -32.96
CA PRO C 270 10.88 -14.20 -34.34
C PRO C 270 10.83 -15.64 -34.85
N TYR C 271 10.80 -16.61 -33.94
CA TYR C 271 10.79 -18.02 -34.33
C TYR C 271 9.47 -18.56 -34.84
N HIS C 272 8.38 -18.14 -34.20
CA HIS C 272 7.06 -18.63 -34.59
C HIS C 272 6.01 -17.56 -34.35
N GLU C 273 5.03 -17.52 -35.24
CA GLU C 273 3.93 -16.55 -35.17
C GLU C 273 3.04 -16.74 -33.94
N ILE C 274 2.99 -17.96 -33.40
CA ILE C 274 2.17 -18.28 -32.23
C ILE C 274 2.54 -17.43 -31.01
N VAL C 275 3.80 -17.04 -30.91
CA VAL C 275 4.30 -16.28 -29.76
C VAL C 275 3.64 -14.91 -29.54
N GLU C 276 3.47 -14.14 -30.63
CA GLU C 276 2.85 -12.81 -30.53
C GLU C 276 1.39 -12.92 -30.10
N ASN C 277 0.70 -13.96 -30.56
CA ASN C 277 -0.69 -14.23 -30.23
C ASN C 277 -0.91 -14.62 -28.77
N ILE C 278 0.03 -15.39 -28.22
CA ILE C 278 -0.01 -15.82 -26.81
C ILE C 278 0.22 -14.61 -25.90
N LEU C 279 1.12 -13.73 -26.31
CA LEU C 279 1.39 -12.50 -25.59
C LEU C 279 0.16 -11.60 -25.58
N HIS C 280 -0.48 -11.49 -26.74
CA HIS C 280 -1.69 -10.69 -26.90
C HIS C 280 -2.83 -11.29 -26.09
N TYR C 281 -2.89 -12.62 -26.05
CA TYR C 281 -3.90 -13.36 -25.29
C TYR C 281 -3.72 -13.17 -23.79
N ARG C 282 -2.47 -13.12 -23.35
CA ARG C 282 -2.11 -12.88 -21.97
C ARG C 282 -2.50 -11.47 -21.54
N GLN C 283 -2.35 -10.52 -22.46
CA GLN C 283 -2.69 -9.12 -22.21
C GLN C 283 -4.20 -8.96 -22.04
N LEU C 284 -4.96 -9.51 -22.98
CA LEU C 284 -6.42 -9.41 -22.96
C LEU C 284 -7.01 -10.19 -21.80
N GLY C 285 -6.46 -11.37 -21.56
CA GLY C 285 -6.93 -12.23 -20.47
C GLY C 285 -6.68 -11.66 -19.09
N LYS C 286 -5.63 -10.86 -18.95
CA LYS C 286 -5.30 -10.22 -17.68
C LYS C 286 -6.35 -9.14 -17.37
N LEU C 287 -6.69 -8.35 -18.38
CA LEU C 287 -7.69 -7.29 -18.23
C LEU C 287 -9.08 -7.84 -17.95
N GLN C 288 -9.44 -8.90 -18.68
CA GLN C 288 -10.73 -9.53 -18.55
C GLN C 288 -10.93 -10.10 -17.14
N SER C 289 -10.06 -11.04 -16.77
CA SER C 289 -10.14 -11.75 -15.49
C SER C 289 -9.89 -10.91 -14.22
N THR C 290 -8.81 -10.14 -14.23
CA THR C 290 -8.43 -9.34 -13.06
C THR C 290 -9.13 -7.98 -12.98
N TYR C 291 -9.19 -7.27 -14.10
CA TYR C 291 -9.75 -5.91 -14.11
C TYR C 291 -11.17 -5.69 -14.60
N ILE C 292 -11.76 -6.64 -15.30
CA ILE C 292 -13.16 -6.48 -15.70
C ILE C 292 -14.01 -7.32 -14.74
N GLU C 293 -13.84 -8.64 -14.81
CA GLU C 293 -14.58 -9.57 -13.98
C GLU C 293 -14.28 -9.39 -12.49
N GLY C 294 -13.00 -9.31 -12.16
CA GLY C 294 -12.58 -9.15 -10.77
C GLY C 294 -13.06 -7.87 -10.12
N LEU C 295 -13.16 -6.81 -10.92
CA LEU C 295 -13.59 -5.53 -10.41
C LEU C 295 -15.12 -5.52 -10.26
N LEU C 296 -15.81 -6.15 -11.21
CA LEU C 296 -17.28 -6.25 -11.16
C LEU C 296 -17.79 -7.07 -9.98
N LYS C 297 -16.95 -7.98 -9.48
CA LYS C 297 -17.30 -8.82 -8.34
C LYS C 297 -17.38 -8.06 -7.02
N VAL C 298 -16.63 -6.98 -6.92
CA VAL C 298 -16.55 -6.22 -5.66
C VAL C 298 -17.28 -4.88 -5.66
N VAL C 299 -17.94 -4.56 -6.76
CA VAL C 299 -18.73 -3.33 -6.86
C VAL C 299 -20.03 -3.56 -6.09
N ARG C 300 -20.39 -2.62 -5.21
CA ARG C 300 -21.64 -2.72 -4.47
C ARG C 300 -22.78 -2.46 -5.45
N PRO C 301 -23.71 -3.42 -5.59
CA PRO C 301 -24.80 -3.34 -6.56
C PRO C 301 -25.79 -2.21 -6.31
N ASP C 302 -25.90 -1.77 -5.07
CA ASP C 302 -26.81 -0.70 -4.76
C ASP C 302 -26.27 0.66 -5.16
N THR C 303 -25.04 0.96 -4.75
CA THR C 303 -24.43 2.26 -4.99
C THR C 303 -23.46 2.34 -6.16
N LYS C 304 -23.10 1.19 -6.72
CA LYS C 304 -22.14 1.09 -7.83
C LYS C 304 -20.76 1.60 -7.44
N LYS C 305 -20.44 1.48 -6.15
CA LYS C 305 -19.13 1.89 -5.62
C LYS C 305 -18.24 0.74 -5.18
N VAL C 306 -16.94 1.00 -5.13
CA VAL C 306 -15.96 0.06 -4.60
C VAL C 306 -15.39 0.68 -3.34
N HIS C 307 -15.30 -0.12 -2.28
CA HIS C 307 -14.78 0.35 -1.02
C HIS C 307 -13.55 -0.49 -0.68
N THR C 308 -12.38 -0.02 -1.09
CA THR C 308 -11.14 -0.74 -0.82
C THR C 308 -10.86 -0.72 0.69
N ILE C 309 -9.89 -1.50 1.12
CA ILE C 309 -9.42 -1.48 2.49
C ILE C 309 -7.93 -1.23 2.39
N PHE C 310 -7.45 -0.15 3.00
CA PHE C 310 -6.02 0.15 2.98
C PHE C 310 -5.39 -0.51 4.20
N ASN C 311 -4.40 -1.37 3.97
CA ASN C 311 -3.70 -1.98 5.09
C ASN C 311 -2.59 -1.03 5.48
N GLN C 312 -2.73 -0.42 6.65
CA GLN C 312 -1.79 0.57 7.13
C GLN C 312 -0.69 -0.06 8.00
N ALA C 313 -0.80 -1.36 8.24
CA ALA C 313 0.15 -2.07 9.08
C ALA C 313 0.73 -3.36 8.47
N LEU C 314 1.22 -3.26 7.24
CA LEU C 314 1.74 -4.45 6.57
C LEU C 314 3.17 -4.30 6.04
N THR C 315 3.36 -3.36 5.12
CA THR C 315 4.65 -3.16 4.45
C THR C 315 5.80 -2.79 5.37
N GLN C 316 6.98 -3.27 5.01
CA GLN C 316 8.19 -3.11 5.80
C GLN C 316 8.86 -1.75 5.61
N THR C 317 8.38 -0.98 4.63
CA THR C 317 8.92 0.34 4.32
C THR C 317 8.06 1.49 4.85
N GLY C 318 6.78 1.20 5.14
CA GLY C 318 5.87 2.23 5.63
C GLY C 318 4.80 2.64 4.63
N ARG C 319 4.81 2.00 3.46
CA ARG C 319 3.80 2.23 2.45
C ARG C 319 2.50 1.56 2.88
N LEU C 320 1.41 1.95 2.24
CA LEU C 320 0.12 1.36 2.47
C LEU C 320 -0.04 0.28 1.41
N SER C 321 -1.00 -0.61 1.61
CA SER C 321 -1.34 -1.57 0.57
C SER C 321 -2.86 -1.44 0.41
N SER C 322 -3.43 -2.04 -0.62
CA SER C 322 -4.86 -1.90 -0.90
C SER C 322 -5.42 -3.22 -1.34
N THR C 323 -6.60 -3.60 -0.84
CA THR C 323 -7.24 -4.89 -1.18
C THR C 323 -8.76 -4.80 -1.35
N GLU C 324 -9.30 -5.73 -2.12
CA GLU C 324 -10.75 -5.88 -2.34
C GLU C 324 -11.55 -4.61 -2.66
N PRO C 325 -11.27 -3.95 -3.79
CA PRO C 325 -10.24 -4.26 -4.77
C PRO C 325 -8.90 -3.58 -4.51
N ASN C 326 -7.85 -4.05 -5.15
CA ASN C 326 -6.58 -3.38 -5.08
C ASN C 326 -6.72 -2.27 -6.10
N LEU C 327 -6.62 -1.04 -5.62
CA LEU C 327 -6.75 0.13 -6.48
C LEU C 327 -5.40 0.82 -6.66
N GLN C 328 -4.33 0.14 -6.26
CA GLN C 328 -2.99 0.66 -6.43
C GLN C 328 -2.30 -0.01 -7.63
N ASN C 329 -3.03 -0.84 -8.35
CA ASN C 329 -2.44 -1.46 -9.54
C ASN C 329 -3.33 -1.45 -10.78
N ILE C 330 -4.17 -0.41 -10.91
CA ILE C 330 -5.03 -0.25 -12.08
C ILE C 330 -4.11 0.13 -13.26
N PRO C 331 -4.28 -0.54 -14.43
CA PRO C 331 -3.41 -0.32 -15.59
C PRO C 331 -3.27 1.15 -16.05
N ILE C 332 -2.07 1.51 -16.52
CA ILE C 332 -1.79 2.87 -16.97
C ILE C 332 -0.78 2.90 -18.12
N ARG C 333 0.19 1.98 -18.06
CA ARG C 333 1.29 1.90 -19.01
C ARG C 333 0.86 1.67 -20.47
N LEU C 334 0.00 0.68 -20.69
CA LEU C 334 -0.49 0.40 -22.03
C LEU C 334 -1.88 0.97 -22.21
N GLU C 335 -2.12 1.60 -23.37
CA GLU C 335 -3.38 2.27 -23.67
C GLU C 335 -4.63 1.40 -23.54
N GLU C 336 -4.54 0.16 -24.01
CA GLU C 336 -5.68 -0.76 -23.96
C GLU C 336 -6.10 -1.04 -22.52
N GLY C 337 -5.11 -1.16 -21.64
CA GLY C 337 -5.38 -1.37 -20.22
C GLY C 337 -5.74 -0.08 -19.52
N ARG C 338 -5.13 1.03 -19.96
CA ARG C 338 -5.37 2.34 -19.35
C ARG C 338 -6.85 2.73 -19.39
N LYS C 339 -7.53 2.29 -20.44
CA LYS C 339 -8.95 2.55 -20.65
C LYS C 339 -9.87 2.01 -19.56
N ILE C 340 -9.34 1.16 -18.68
CA ILE C 340 -10.06 0.63 -17.51
C ILE C 340 -10.40 1.79 -16.57
N ARG C 341 -9.52 2.78 -16.54
CA ARG C 341 -9.69 3.96 -15.69
C ARG C 341 -10.84 4.87 -16.09
N GLN C 342 -11.39 4.67 -17.29
CA GLN C 342 -12.57 5.42 -17.72
C GLN C 342 -13.79 4.99 -16.92
N ALA C 343 -13.69 3.82 -16.29
CA ALA C 343 -14.79 3.26 -15.51
C ALA C 343 -14.87 3.84 -14.11
N PHE C 344 -13.83 4.56 -13.69
CA PHE C 344 -13.79 5.20 -12.38
C PHE C 344 -14.20 6.64 -12.53
N VAL C 345 -15.40 6.94 -12.04
CA VAL C 345 -16.03 8.23 -12.23
C VAL C 345 -16.33 8.93 -10.90
N PRO C 346 -16.66 10.23 -10.93
CA PRO C 346 -17.02 10.91 -9.69
C PRO C 346 -18.33 10.38 -9.14
N SER C 347 -18.55 10.54 -7.83
CA SER C 347 -19.74 9.99 -7.17
C SER C 347 -20.96 10.89 -7.23
N GLU C 348 -20.77 12.15 -7.64
CA GLU C 348 -21.89 13.07 -7.74
C GLU C 348 -21.88 13.78 -9.08
N SER C 349 -23.06 14.28 -9.47
CA SER C 349 -23.25 14.98 -10.72
C SER C 349 -22.47 16.29 -10.69
N ASP C 350 -21.83 16.61 -11.81
CA ASP C 350 -21.06 17.85 -11.97
C ASP C 350 -19.83 17.94 -11.05
N TRP C 351 -19.30 16.78 -10.69
CA TRP C 351 -18.08 16.64 -9.89
C TRP C 351 -16.99 16.11 -10.82
N LEU C 352 -15.73 16.33 -10.47
CA LEU C 352 -14.62 15.85 -11.31
C LEU C 352 -13.53 15.17 -10.48
N ILE C 353 -12.75 14.32 -11.12
CA ILE C 353 -11.63 13.62 -10.49
C ILE C 353 -10.40 14.52 -10.61
N PHE C 354 -9.71 14.72 -9.49
CA PHE C 354 -8.49 15.53 -9.45
C PHE C 354 -7.36 14.65 -8.93
N ALA C 355 -6.29 14.49 -9.71
CA ALA C 355 -5.15 13.66 -9.34
C ALA C 355 -3.87 14.48 -9.22
N ALA C 356 -3.09 14.24 -8.19
CA ALA C 356 -1.83 14.96 -8.02
C ALA C 356 -0.73 14.01 -7.59
N ASP C 357 0.42 14.08 -8.25
CA ASP C 357 1.52 13.16 -7.95
C ASP C 357 2.84 13.86 -7.77
N TYR C 358 3.63 13.37 -6.83
CA TYR C 358 4.98 13.88 -6.62
C TYR C 358 5.84 13.46 -7.81
N SER C 359 6.66 14.38 -8.30
CA SER C 359 7.59 14.11 -9.38
C SER C 359 8.97 13.72 -8.82
N GLN C 360 9.38 12.48 -9.06
CA GLN C 360 10.67 11.93 -8.59
C GLN C 360 10.92 12.12 -7.09
N ILE C 361 9.92 11.86 -6.25
CA ILE C 361 10.13 12.02 -4.80
C ILE C 361 11.25 11.14 -4.22
N GLU C 362 11.39 9.93 -4.72
CA GLU C 362 12.44 9.01 -4.24
C GLU C 362 13.84 9.53 -4.55
N LEU C 363 14.06 9.98 -5.78
CA LEU C 363 15.39 10.52 -6.13
C LEU C 363 15.70 11.83 -5.41
N ARG C 364 14.66 12.61 -5.14
CA ARG C 364 14.79 13.88 -4.40
C ARG C 364 15.11 13.63 -2.92
N VAL C 365 14.47 12.62 -2.34
CA VAL C 365 14.76 12.19 -0.95
C VAL C 365 16.23 11.72 -0.85
N LEU C 366 16.69 10.98 -1.87
CA LEU C 366 18.08 10.50 -1.91
C LEU C 366 19.07 11.67 -1.99
N ALA C 367 18.74 12.68 -2.79
CA ALA C 367 19.60 13.87 -2.91
C ALA C 367 19.74 14.54 -1.55
N HIS C 368 18.61 14.64 -0.84
CA HIS C 368 18.58 15.23 0.52
C HIS C 368 19.37 14.45 1.58
N ILE C 369 19.13 13.14 1.66
CA ILE C 369 19.78 12.31 2.67
C ILE C 369 21.26 12.06 2.42
N ALA C 370 21.65 11.91 1.15
CA ALA C 370 23.04 11.69 0.79
C ALA C 370 23.83 12.98 0.72
N GLU C 371 23.11 14.09 0.58
CA GLU C 371 23.70 15.43 0.43
C GLU C 371 24.68 15.44 -0.74
N ASP C 372 24.26 14.81 -1.83
CA ASP C 372 25.09 14.74 -3.01
C ASP C 372 24.97 16.06 -3.76
N ASP C 373 26.09 16.77 -3.89
CA ASP C 373 26.11 18.06 -4.58
C ASP C 373 25.56 18.05 -6.00
N ASN C 374 25.97 17.06 -6.79
CA ASN C 374 25.53 16.94 -8.18
C ASN C 374 24.03 16.66 -8.30
N LEU C 375 23.54 15.73 -7.48
CA LEU C 375 22.13 15.35 -7.48
C LEU C 375 21.28 16.48 -6.92
N MET C 376 21.78 17.19 -5.91
CA MET C 376 21.01 18.30 -5.36
C MET C 376 20.89 19.42 -6.38
N GLU C 377 21.99 19.71 -7.06
CA GLU C 377 22.03 20.75 -8.11
C GLU C 377 21.10 20.40 -9.26
N ALA C 378 21.07 19.12 -9.61
CA ALA C 378 20.20 18.65 -10.68
C ALA C 378 18.75 19.03 -10.35
N PHE C 379 18.29 18.69 -9.15
CA PHE C 379 16.91 18.99 -8.77
C PHE C 379 16.59 20.46 -8.56
N ARG C 380 17.60 21.23 -8.11
CA ARG C 380 17.45 22.67 -7.93
C ARG C 380 17.27 23.36 -9.28
N ARG C 381 17.84 22.77 -10.33
CA ARG C 381 17.65 23.25 -11.68
C ARG C 381 16.41 22.61 -12.33
N ASP C 382 15.75 21.69 -11.60
CA ASP C 382 14.59 20.93 -12.09
C ASP C 382 14.90 20.25 -13.44
N LEU C 383 16.05 19.62 -13.52
CA LEU C 383 16.47 18.94 -14.74
C LEU C 383 15.72 17.64 -14.91
N ASP C 384 15.70 17.15 -16.15
CA ASP C 384 15.15 15.83 -16.42
C ASP C 384 16.23 14.93 -15.86
N ILE C 385 15.94 14.30 -14.73
CA ILE C 385 16.92 13.49 -14.01
C ILE C 385 17.49 12.29 -14.78
N HIS C 386 16.70 11.69 -15.65
CA HIS C 386 17.20 10.57 -16.42
C HIS C 386 18.16 11.01 -17.53
N THR C 387 17.85 12.13 -18.16
CA THR C 387 18.72 12.71 -19.19
C THR C 387 20.01 13.15 -18.52
N LYS C 388 19.90 13.79 -17.36
CA LYS C 388 21.06 14.24 -16.59
C LYS C 388 21.99 13.08 -16.24
N THR C 389 21.42 11.99 -15.73
CA THR C 389 22.18 10.79 -15.35
C THR C 389 22.91 10.22 -16.57
N ALA C 390 22.24 10.17 -17.72
CA ALA C 390 22.84 9.69 -18.97
C ALA C 390 24.02 10.56 -19.38
N MET C 391 23.84 11.88 -19.33
CA MET C 391 24.92 12.81 -19.68
C MET C 391 26.16 12.51 -18.84
N ASP C 392 25.95 12.36 -17.54
CA ASP C 392 27.00 12.07 -16.58
C ASP C 392 27.67 10.71 -16.77
N ILE C 393 26.89 9.63 -16.74
CA ILE C 393 27.48 8.29 -16.85
C ILE C 393 28.04 7.94 -18.22
N PHE C 394 27.44 8.49 -19.29
CA PHE C 394 27.93 8.21 -20.64
C PHE C 394 28.86 9.30 -21.18
N GLN C 395 29.11 10.33 -20.37
CA GLN C 395 30.02 11.45 -20.68
C GLN C 395 29.72 12.20 -21.99
N VAL C 396 28.47 12.64 -22.16
CA VAL C 396 28.07 13.37 -23.35
C VAL C 396 27.27 14.61 -22.96
N SER C 397 27.02 15.49 -23.93
CA SER C 397 26.24 16.69 -23.71
C SER C 397 24.77 16.32 -23.84
N GLU C 398 23.88 17.26 -23.51
CA GLU C 398 22.44 17.02 -23.57
C GLU C 398 21.96 16.64 -24.97
N ASP C 399 22.48 17.33 -25.99
CA ASP C 399 22.16 17.05 -27.40
C ASP C 399 22.54 15.65 -27.84
N GLU C 400 23.59 15.10 -27.22
CA GLU C 400 24.10 13.79 -27.57
C GLU C 400 23.39 12.62 -26.88
N VAL C 401 22.42 12.91 -26.03
CA VAL C 401 21.68 11.84 -25.35
C VAL C 401 20.62 11.24 -26.27
N THR C 402 20.81 9.98 -26.60
CA THR C 402 19.86 9.27 -27.48
C THR C 402 18.74 8.64 -26.64
N PRO C 403 17.61 8.27 -27.29
CA PRO C 403 16.57 7.59 -26.52
C PRO C 403 17.00 6.31 -25.78
N ASN C 404 17.92 5.54 -26.35
CA ASN C 404 18.37 4.31 -25.70
C ASN C 404 19.22 4.61 -24.48
N MET C 405 20.04 5.67 -24.57
CA MET C 405 20.88 6.10 -23.47
C MET C 405 20.02 6.57 -22.29
N ARG C 406 18.95 7.30 -22.58
CA ARG C 406 18.06 7.78 -21.53
C ARG C 406 17.33 6.62 -20.86
N ARG C 407 16.89 5.63 -21.66
CA ARG C 407 16.21 4.46 -21.15
C ARG C 407 17.10 3.66 -20.20
N GLN C 408 18.38 3.53 -20.55
CA GLN C 408 19.31 2.79 -19.69
C GLN C 408 19.73 3.57 -18.44
N ALA C 409 19.87 4.89 -18.56
CA ALA C 409 20.17 5.73 -17.40
C ALA C 409 18.99 5.73 -16.44
N LYS C 410 17.77 5.64 -17.00
CA LYS C 410 16.56 5.57 -16.20
C LYS C 410 16.58 4.29 -15.36
N ALA C 411 17.00 3.19 -15.97
CA ALA C 411 17.10 1.90 -15.28
C ALA C 411 18.16 1.93 -14.17
N VAL C 412 19.27 2.62 -14.42
CA VAL C 412 20.31 2.77 -13.40
C VAL C 412 19.72 3.53 -12.21
N ASN C 413 18.95 4.59 -12.48
CA ASN C 413 18.30 5.38 -11.42
C ASN C 413 17.32 4.58 -10.56
N PHE C 414 16.56 3.69 -11.20
CA PHE C 414 15.64 2.80 -10.49
C PHE C 414 16.43 1.80 -9.65
N GLY C 415 17.50 1.29 -10.21
CA GLY C 415 18.37 0.34 -9.52
C GLY C 415 19.02 0.93 -8.29
N ILE C 416 19.49 2.17 -8.42
CA ILE C 416 20.12 2.90 -7.32
C ILE C 416 19.14 3.07 -6.16
N VAL C 417 17.89 3.41 -6.48
CA VAL C 417 16.84 3.58 -5.47
C VAL C 417 16.43 2.25 -4.83
N TYR C 418 16.41 1.17 -5.61
CA TYR C 418 16.05 -0.16 -5.10
C TYR C 418 17.20 -0.88 -4.37
N GLY C 419 18.37 -0.26 -4.31
CA GLY C 419 19.53 -0.90 -3.72
C GLY C 419 20.24 -1.54 -4.89
N ILE C 420 21.34 -0.93 -5.31
CA ILE C 420 22.05 -1.35 -6.51
C ILE C 420 22.77 -2.71 -6.43
N SER C 421 22.58 -3.51 -7.48
CA SER C 421 23.24 -4.80 -7.62
C SER C 421 23.45 -5.03 -9.11
N ASP C 422 24.66 -5.44 -9.49
CA ASP C 422 25.00 -5.69 -10.88
C ASP C 422 24.13 -6.76 -11.56
N TYR C 423 23.80 -7.82 -10.82
CA TYR C 423 22.97 -8.90 -11.36
C TYR C 423 21.53 -8.48 -11.65
N GLY C 424 20.95 -7.66 -10.78
CA GLY C 424 19.57 -7.21 -10.96
C GLY C 424 19.39 -6.23 -12.10
N LEU C 425 20.32 -5.28 -12.20
CA LEU C 425 20.31 -4.28 -13.27
C LEU C 425 20.50 -4.99 -14.61
N ALA C 426 21.43 -5.94 -14.65
CA ALA C 426 21.75 -6.74 -15.84
C ALA C 426 20.52 -7.46 -16.40
N GLN C 427 19.78 -8.11 -15.49
CA GLN C 427 18.57 -8.85 -15.84
C GLN C 427 17.53 -7.90 -16.41
N ASN C 428 17.44 -6.73 -15.80
CA ASN C 428 16.49 -5.70 -16.19
C ASN C 428 16.79 -5.08 -17.55
N LEU C 429 18.07 -4.81 -17.81
CA LEU C 429 18.50 -4.22 -19.07
C LEU C 429 18.86 -5.25 -20.15
N ASN C 430 18.72 -6.53 -19.81
CA ASN C 430 19.05 -7.65 -20.69
C ASN C 430 20.51 -7.52 -21.17
N ILE C 431 21.40 -7.26 -20.22
CA ILE C 431 22.83 -7.13 -20.48
C ILE C 431 23.59 -8.04 -19.51
N SER C 432 24.92 -8.10 -19.63
CA SER C 432 25.69 -8.94 -18.73
C SER C 432 25.92 -8.26 -17.38
N ARG C 433 26.26 -9.07 -16.38
CA ARG C 433 26.50 -8.61 -15.02
C ARG C 433 27.72 -7.68 -14.98
N LYS C 434 28.71 -7.95 -15.81
CA LYS C 434 29.93 -7.15 -15.88
C LYS C 434 29.64 -5.75 -16.47
N GLU C 435 28.82 -5.70 -17.51
CA GLU C 435 28.40 -4.45 -18.15
C GLU C 435 27.56 -3.59 -17.20
N ALA C 436 26.67 -4.26 -16.46
CA ALA C 436 25.81 -3.59 -15.49
C ALA C 436 26.66 -2.99 -14.38
N ALA C 437 27.71 -3.71 -13.99
CA ALA C 437 28.64 -3.24 -12.96
C ALA C 437 29.40 -2.01 -13.44
N GLU C 438 29.63 -1.93 -14.76
CA GLU C 438 30.31 -0.79 -15.36
C GLU C 438 29.45 0.49 -15.25
N PHE C 439 28.14 0.34 -15.38
CA PHE C 439 27.23 1.48 -15.27
C PHE C 439 27.19 2.01 -13.83
N ILE C 440 27.15 1.09 -12.87
CA ILE C 440 27.11 1.40 -11.44
C ILE C 440 28.36 2.17 -11.03
N GLU C 441 29.50 1.67 -11.49
CA GLU C 441 30.80 2.29 -11.23
C GLU C 441 30.80 3.72 -11.77
N ARG C 442 30.30 3.88 -12.99
CA ARG C 442 30.18 5.21 -13.61
C ARG C 442 29.24 6.12 -12.82
N TYR C 443 28.13 5.58 -12.33
CA TYR C 443 27.17 6.36 -11.53
C TYR C 443 27.82 6.96 -10.29
N PHE C 444 28.49 6.11 -9.51
CA PHE C 444 29.13 6.54 -8.27
C PHE C 444 30.28 7.52 -8.44
N GLU C 445 30.87 7.54 -9.63
CA GLU C 445 31.92 8.53 -9.93
C GLU C 445 31.27 9.90 -10.17
N SER C 446 30.08 9.89 -10.77
CA SER C 446 29.30 11.11 -11.04
C SER C 446 28.54 11.58 -9.81
N PHE C 447 28.17 10.64 -8.95
CA PHE C 447 27.43 10.94 -7.72
C PHE C 447 28.13 10.35 -6.48
N PRO C 448 29.28 10.92 -6.08
CA PRO C 448 30.07 10.43 -4.95
C PRO C 448 29.38 10.52 -3.59
N GLY C 449 28.45 11.46 -3.42
CA GLY C 449 27.70 11.61 -2.17
C GLY C 449 26.75 10.42 -2.00
N VAL C 450 26.15 10.00 -3.11
CA VAL C 450 25.26 8.83 -3.11
C VAL C 450 26.06 7.55 -2.78
N LYS C 451 27.27 7.43 -3.32
CA LYS C 451 28.13 6.27 -3.00
C LYS C 451 28.47 6.28 -1.51
N ARG C 452 28.82 7.45 -0.98
CA ARG C 452 29.14 7.61 0.43
C ARG C 452 27.95 7.20 1.33
N TYR C 453 26.75 7.63 0.96
CA TYR C 453 25.52 7.27 1.70
C TYR C 453 25.27 5.76 1.67
N MET C 454 25.38 5.15 0.50
CA MET C 454 25.15 3.71 0.34
C MET C 454 26.12 2.87 1.15
N GLU C 455 27.38 3.31 1.23
CA GLU C 455 28.39 2.65 2.03
C GLU C 455 28.08 2.87 3.51
N ASN C 456 27.81 4.11 3.89
CA ASN C 456 27.51 4.45 5.29
C ASN C 456 26.24 3.84 5.84
N ILE C 457 25.19 3.79 5.03
CA ILE C 457 23.91 3.24 5.50
C ILE C 457 24.02 1.74 5.82
N VAL C 458 24.78 0.99 5.02
CA VAL C 458 24.99 -0.44 5.24
C VAL C 458 25.78 -0.64 6.53
N GLN C 459 26.78 0.22 6.74
CA GLN C 459 27.61 0.21 7.95
C GLN C 459 26.75 0.49 9.19
N GLU C 460 25.86 1.48 9.08
CA GLU C 460 24.97 1.86 10.18
C GLU C 460 23.97 0.76 10.52
N ALA C 461 23.42 0.10 9.50
CA ALA C 461 22.47 -0.98 9.71
C ALA C 461 23.15 -2.12 10.46
N LYS C 462 24.42 -2.35 10.17
CA LYS C 462 25.20 -3.39 10.84
C LYS C 462 25.51 -2.97 12.29
N GLN C 463 25.82 -1.70 12.50
CA GLN C 463 26.15 -1.17 13.84
C GLN C 463 24.95 -1.05 14.80
N LYS C 464 23.86 -0.47 14.32
CA LYS C 464 22.65 -0.27 15.12
C LYS C 464 21.68 -1.46 15.11
N GLY C 465 21.67 -2.19 14.00
CA GLY C 465 20.76 -3.33 13.83
C GLY C 465 19.53 -2.97 13.00
N TYR C 466 19.40 -1.69 12.66
CA TYR C 466 18.25 -1.16 11.91
C TYR C 466 18.60 0.10 11.13
N VAL C 467 17.70 0.51 10.24
CA VAL C 467 17.82 1.78 9.51
C VAL C 467 16.54 2.57 9.80
N THR C 468 16.60 3.89 9.63
CA THR C 468 15.43 4.72 9.89
C THR C 468 15.13 5.70 8.76
N THR C 469 13.91 6.23 8.79
CA THR C 469 13.43 7.19 7.81
C THR C 469 13.39 8.58 8.45
N LEU C 470 13.07 9.61 7.65
CA LEU C 470 13.00 11.01 8.12
C LEU C 470 12.13 11.23 9.36
N LEU C 471 10.96 10.61 9.38
CA LEU C 471 10.06 10.76 10.52
C LEU C 471 10.22 9.67 11.59
N HIS C 472 11.37 8.99 11.54
CA HIS C 472 11.82 8.00 12.53
C HIS C 472 11.19 6.61 12.47
N ARG C 473 10.70 6.23 11.30
CA ARG C 473 10.16 4.89 11.10
C ARG C 473 11.38 3.96 11.08
N ARG C 474 11.25 2.72 11.55
CA ARG C 474 12.43 1.85 11.50
C ARG C 474 12.18 0.47 10.91
N ARG C 475 13.27 -0.11 10.41
CA ARG C 475 13.24 -1.47 9.88
C ARG C 475 14.47 -2.19 10.39
N TYR C 476 14.26 -3.29 11.11
CA TYR C 476 15.36 -4.10 11.61
C TYR C 476 15.87 -5.01 10.50
N LEU C 477 17.18 -5.13 10.40
CA LEU C 477 17.80 -5.96 9.39
C LEU C 477 18.78 -6.95 9.98
N PRO C 478 18.26 -8.02 10.64
CA PRO C 478 19.16 -9.01 11.25
C PRO C 478 20.02 -9.80 10.24
N ASP C 479 19.58 -9.87 8.99
CA ASP C 479 20.32 -10.60 7.94
C ASP C 479 21.53 -9.85 7.39
N ILE C 480 21.73 -8.61 7.84
CA ILE C 480 22.85 -7.80 7.39
C ILE C 480 24.21 -8.43 7.77
N THR C 481 24.18 -9.34 8.74
CA THR C 481 25.38 -10.01 9.23
C THR C 481 25.50 -11.46 8.78
N SER C 482 24.53 -11.93 8.00
CA SER C 482 24.51 -13.31 7.51
C SER C 482 25.76 -13.65 6.69
N ARG C 483 26.21 -14.90 6.78
CA ARG C 483 27.37 -15.34 6.00
C ARG C 483 26.94 -15.95 4.67
N ASN C 484 25.62 -15.99 4.44
CA ASN C 484 25.08 -16.41 3.16
C ASN C 484 25.05 -15.14 2.30
N PHE C 485 25.80 -15.14 1.19
CA PHE C 485 25.89 -14.00 0.27
C PHE C 485 24.53 -13.46 -0.18
N ASN C 486 23.64 -14.35 -0.62
CA ASN C 486 22.32 -13.97 -1.11
C ASN C 486 21.42 -13.35 -0.06
N VAL C 487 21.44 -13.94 1.13
CA VAL C 487 20.64 -13.45 2.24
C VAL C 487 21.16 -12.10 2.74
N ARG C 488 22.50 -11.97 2.80
CA ARG C 488 23.14 -10.74 3.24
C ARG C 488 22.98 -9.58 2.24
N SER C 489 23.04 -9.90 0.94
CA SER C 489 22.92 -8.90 -0.12
C SER C 489 21.54 -8.25 -0.13
N PHE C 490 20.51 -9.08 0.08
CA PHE C 490 19.13 -8.64 0.13
C PHE C 490 18.91 -7.66 1.29
N ALA C 491 19.52 -7.96 2.45
CA ALA C 491 19.43 -7.09 3.61
C ALA C 491 20.16 -5.77 3.34
N GLU C 492 21.26 -5.86 2.61
CA GLU C 492 22.03 -4.68 2.24
C GLU C 492 21.22 -3.78 1.30
N ARG C 493 20.51 -4.38 0.35
CA ARG C 493 19.65 -3.64 -0.57
C ARG C 493 18.50 -2.96 0.18
N MET C 494 17.93 -3.67 1.14
CA MET C 494 16.86 -3.13 1.97
C MET C 494 17.38 -1.98 2.84
N ALA C 495 18.65 -2.04 3.23
CA ALA C 495 19.27 -0.99 4.05
C ALA C 495 19.39 0.30 3.27
N MET C 496 19.70 0.15 1.99
CA MET C 496 19.86 1.26 1.07
C MET C 496 18.50 1.86 0.68
N ASN C 497 17.56 0.98 0.33
CA ASN C 497 16.23 1.35 -0.17
C ASN C 497 15.20 1.85 0.86
N THR C 498 15.17 1.22 2.05
CA THR C 498 14.16 1.58 3.06
C THR C 498 14.10 3.07 3.48
N PRO C 499 15.25 3.70 3.78
CA PRO C 499 15.20 5.11 4.13
C PRO C 499 14.74 6.00 2.99
N ILE C 500 14.81 5.51 1.75
CA ILE C 500 14.36 6.26 0.58
C ILE C 500 12.87 6.06 0.34
N GLN C 501 12.44 4.82 0.10
CA GLN C 501 11.03 4.46 -0.11
C GLN C 501 10.20 4.81 1.14
N GLY C 502 10.79 4.57 2.32
CA GLY C 502 10.18 4.86 3.60
C GLY C 502 9.97 6.32 3.91
N SER C 503 10.99 7.15 3.66
CA SER C 503 10.86 8.59 3.87
C SER C 503 9.82 9.20 2.92
N ALA C 504 9.73 8.67 1.70
CA ALA C 504 8.74 9.11 0.72
C ALA C 504 7.35 8.75 1.22
N ALA C 505 7.25 7.62 1.90
CA ALA C 505 6.01 7.18 2.53
C ALA C 505 5.65 8.14 3.65
N ASP C 506 6.65 8.52 4.45
CA ASP C 506 6.45 9.47 5.56
C ASP C 506 5.85 10.79 5.05
N ILE C 507 6.45 11.33 3.99
CA ILE C 507 6.07 12.60 3.38
C ILE C 507 4.64 12.64 2.84
N ILE C 508 4.25 11.63 2.07
CA ILE C 508 2.90 11.63 1.51
C ILE C 508 1.85 11.43 2.61
N LYS C 509 2.18 10.63 3.62
CA LYS C 509 1.29 10.46 4.78
C LYS C 509 1.04 11.77 5.50
N LYS C 510 2.09 12.56 5.70
CA LYS C 510 1.95 13.88 6.33
C LYS C 510 1.20 14.85 5.43
N ALA C 511 1.44 14.78 4.13
CA ALA C 511 0.77 15.63 3.16
C ALA C 511 -0.74 15.40 3.21
N MET C 512 -1.15 14.14 3.37
CA MET C 512 -2.58 13.78 3.48
C MET C 512 -3.19 14.38 4.72
N ILE C 513 -2.43 14.37 5.82
CA ILE C 513 -2.91 14.96 7.06
C ILE C 513 -3.06 16.46 6.87
N ASP C 514 -2.00 17.09 6.36
CA ASP C 514 -1.98 18.53 6.10
C ASP C 514 -3.08 18.94 5.12
N LEU C 515 -3.30 18.12 4.08
CA LEU C 515 -4.32 18.37 3.08
C LEU C 515 -5.72 18.40 3.67
N ASN C 516 -6.11 17.35 4.42
CA ASN C 516 -7.44 17.32 5.05
C ASN C 516 -7.71 18.48 5.98
N ALA C 517 -6.66 18.93 6.66
CA ALA C 517 -6.76 20.08 7.56
C ALA C 517 -7.07 21.34 6.74
N ARG C 518 -6.41 21.49 5.59
CA ARG C 518 -6.61 22.65 4.72
C ARG C 518 -7.97 22.61 4.03
N LEU C 519 -8.37 21.44 3.55
CA LEU C 519 -9.67 21.27 2.91
C LEU C 519 -10.80 21.70 3.86
N LYS C 520 -10.64 21.38 5.13
CA LYS C 520 -11.61 21.72 6.17
C LYS C 520 -11.57 23.21 6.55
N GLU C 521 -10.37 23.80 6.64
CA GLU C 521 -10.24 25.23 6.91
C GLU C 521 -10.90 26.06 5.80
N GLU C 522 -10.76 25.59 4.57
CA GLU C 522 -11.27 26.27 3.38
C GLU C 522 -12.73 25.93 3.06
N ARG C 523 -13.32 25.04 3.86
CA ARG C 523 -14.71 24.58 3.70
C ARG C 523 -14.99 24.05 2.30
N LEU C 524 -14.03 23.31 1.74
CA LEU C 524 -14.16 22.71 0.42
C LEU C 524 -14.86 21.37 0.55
N GLN C 525 -15.69 21.01 -0.43
CA GLN C 525 -16.39 19.72 -0.41
C GLN C 525 -15.48 18.61 -0.97
N ALA C 526 -14.33 19.03 -1.49
CA ALA C 526 -13.32 18.13 -2.04
C ALA C 526 -12.87 17.15 -0.99
N HIS C 527 -12.69 15.90 -1.39
CA HIS C 527 -12.21 14.89 -0.46
C HIS C 527 -11.34 13.83 -1.11
N LEU C 528 -10.39 13.32 -0.32
CA LEU C 528 -9.50 12.26 -0.76
C LEU C 528 -10.29 10.99 -1.06
N LEU C 529 -9.89 10.30 -2.12
CA LEU C 529 -10.49 9.01 -2.47
C LEU C 529 -9.47 7.88 -2.39
N LEU C 530 -8.29 8.13 -2.97
CA LEU C 530 -7.24 7.13 -3.03
C LEU C 530 -5.87 7.71 -2.86
N GLN C 531 -4.94 6.84 -2.47
CA GLN C 531 -3.53 7.16 -2.36
C GLN C 531 -2.83 6.02 -3.08
N VAL C 532 -2.01 6.35 -4.09
CA VAL C 532 -1.25 5.33 -4.81
C VAL C 532 0.25 5.60 -4.67
N HIS C 533 0.76 5.47 -3.45
CA HIS C 533 2.20 5.59 -3.13
C HIS C 533 2.85 6.97 -3.26
N ASP C 534 2.73 7.60 -4.43
CA ASP C 534 3.29 8.95 -4.61
C ASP C 534 2.26 9.91 -5.18
N GLU C 535 1.02 9.46 -5.24
CA GLU C 535 -0.06 10.31 -5.72
C GLU C 535 -1.30 10.26 -4.85
N LEU C 536 -2.05 11.36 -4.90
CA LEU C 536 -3.31 11.51 -4.19
C LEU C 536 -4.39 11.78 -5.21
N ILE C 537 -5.48 11.01 -5.12
CA ILE C 537 -6.63 11.14 -6.02
C ILE C 537 -7.80 11.64 -5.20
N LEU C 538 -8.41 12.73 -5.64
CA LEU C 538 -9.54 13.32 -4.95
C LEU C 538 -10.70 13.49 -5.93
N GLU C 539 -11.86 13.85 -5.39
CA GLU C 539 -13.02 14.22 -6.23
C GLU C 539 -13.61 15.47 -5.58
N ALA C 540 -14.15 16.37 -6.41
CA ALA C 540 -14.69 17.62 -5.92
C ALA C 540 -15.66 18.20 -6.93
N PRO C 541 -16.53 19.12 -6.48
CA PRO C 541 -17.39 19.85 -7.42
C PRO C 541 -16.52 20.53 -8.46
N LYS C 542 -17.02 20.63 -9.68
CA LYS C 542 -16.27 21.29 -10.75
C LYS C 542 -15.89 22.72 -10.41
N GLU C 543 -16.69 23.37 -9.57
CA GLU C 543 -16.43 24.75 -9.15
C GLU C 543 -15.23 24.89 -8.21
N GLU C 544 -14.68 23.76 -7.77
CA GLU C 544 -13.53 23.78 -6.86
C GLU C 544 -12.19 23.50 -7.52
N MET C 545 -12.20 23.11 -8.80
CA MET C 545 -10.97 22.76 -9.50
C MET C 545 -9.88 23.82 -9.44
N GLU C 546 -10.23 25.07 -9.72
CA GLU C 546 -9.25 26.16 -9.73
C GLU C 546 -8.58 26.38 -8.36
N ARG C 547 -9.36 26.25 -7.29
CA ARG C 547 -8.79 26.35 -5.95
C ARG C 547 -7.88 25.15 -5.67
N LEU C 548 -8.25 23.97 -6.15
CA LEU C 548 -7.44 22.77 -5.91
C LEU C 548 -6.13 22.80 -6.66
N CYS C 549 -6.15 23.38 -7.86
CA CYS C 549 -4.93 23.53 -8.68
C CYS C 549 -3.84 24.26 -7.92
N ARG C 550 -4.26 25.14 -7.02
CA ARG C 550 -3.31 25.87 -6.19
C ARG C 550 -3.08 25.21 -4.83
N LEU C 551 -4.16 24.76 -4.20
CA LEU C 551 -4.11 24.22 -2.84
C LEU C 551 -3.39 22.89 -2.72
N VAL C 552 -3.82 21.90 -3.51
CA VAL C 552 -3.24 20.56 -3.43
C VAL C 552 -1.71 20.47 -3.64
N PRO C 553 -1.17 20.98 -4.77
CA PRO C 553 0.28 20.92 -4.98
C PRO C 553 1.07 21.64 -3.89
N GLU C 554 0.60 22.80 -3.45
CA GLU C 554 1.26 23.57 -2.40
C GLU C 554 1.37 22.79 -1.07
N VAL C 555 0.26 22.19 -0.64
CA VAL C 555 0.25 21.39 0.58
C VAL C 555 1.20 20.18 0.48
N MET C 556 1.16 19.50 -0.67
CA MET C 556 2.02 18.35 -0.89
C MET C 556 3.50 18.76 -0.98
N GLU C 557 3.76 19.92 -1.57
CA GLU C 557 5.12 20.42 -1.69
C GLU C 557 5.71 20.91 -0.38
N GLN C 558 4.84 21.41 0.50
CA GLN C 558 5.31 21.97 1.77
C GLN C 558 5.21 21.01 2.96
N ALA C 559 4.80 19.76 2.71
CA ALA C 559 4.68 18.72 3.74
C ALA C 559 5.92 18.66 4.62
N VAL C 560 7.09 18.63 3.98
CA VAL C 560 8.37 18.66 4.69
C VAL C 560 9.28 19.62 3.93
N THR C 561 10.36 20.05 4.58
CA THR C 561 11.36 20.90 3.93
C THR C 561 12.65 20.11 3.81
N LEU C 562 13.10 19.91 2.57
CA LEU C 562 14.32 19.17 2.29
C LEU C 562 15.34 20.12 1.71
N ARG C 563 16.53 19.59 1.44
CA ARG C 563 17.61 20.36 0.83
C ARG C 563 17.37 20.64 -0.66
N VAL C 564 16.38 19.94 -1.21
CA VAL C 564 15.95 20.13 -2.59
C VAL C 564 14.44 20.35 -2.56
N PRO C 565 13.91 21.10 -3.55
CA PRO C 565 12.45 21.29 -3.58
C PRO C 565 11.68 20.01 -3.89
N LEU C 566 10.40 20.00 -3.51
CA LEU C 566 9.51 18.91 -3.86
C LEU C 566 8.66 19.47 -5.00
N LYS C 567 8.36 18.64 -6.00
CA LYS C 567 7.59 19.07 -7.14
C LYS C 567 6.40 18.13 -7.32
N VAL C 568 5.22 18.70 -7.56
CA VAL C 568 3.98 17.94 -7.72
C VAL C 568 3.28 18.31 -9.05
N ASP C 569 2.92 17.30 -9.83
CA ASP C 569 2.18 17.52 -11.07
C ASP C 569 0.72 17.20 -10.77
N TYR C 570 -0.20 17.80 -11.52
CA TYR C 570 -1.64 17.62 -11.28
C TYR C 570 -2.46 17.74 -12.55
N HIS C 571 -3.61 17.06 -12.56
CA HIS C 571 -4.53 17.07 -13.70
C HIS C 571 -5.91 16.72 -13.15
N TYR C 572 -6.95 17.00 -13.95
CA TYR C 572 -8.32 16.67 -13.58
C TYR C 572 -9.16 16.37 -14.81
N GLY C 573 -10.24 15.61 -14.63
CA GLY C 573 -11.11 15.24 -15.75
C GLY C 573 -12.41 14.61 -15.31
N SER C 574 -13.17 14.13 -16.28
CA SER C 574 -14.47 13.51 -16.04
C SER C 574 -14.37 12.10 -15.47
N THR C 575 -13.24 11.43 -15.70
CA THR C 575 -13.01 10.08 -15.20
C THR C 575 -11.57 10.06 -14.71
N TRP C 576 -11.18 8.97 -14.04
CA TRP C 576 -9.81 8.82 -13.55
C TRP C 576 -8.83 8.83 -14.73
N TYR C 577 -9.25 8.24 -15.85
CA TYR C 577 -8.46 8.20 -17.08
C TYR C 577 -8.16 9.59 -17.62
N ASP C 578 -9.15 10.49 -17.54
CA ASP C 578 -9.01 11.84 -18.06
C ASP C 578 -8.20 12.74 -17.14
N ALA C 579 -8.00 12.31 -15.90
CA ALA C 579 -7.19 13.10 -14.95
C ALA C 579 -5.70 12.87 -15.24
N LYS C 580 -5.33 12.99 -16.52
CA LYS C 580 -3.97 12.74 -17.03
C LYS C 580 -3.36 13.93 -17.74
#